data_4JOT
#
_entry.id   4JOT
#
_cell.length_a   117.892
_cell.length_b   117.892
_cell.length_c   117.892
_cell.angle_alpha   90.00
_cell.angle_beta   90.00
_cell.angle_gamma   90.00
#
_symmetry.space_group_name_H-M   'I 2 3'
#
loop_
_entity.id
_entity.type
_entity.pdbx_description
1 polymer 'Enoyl-CoA hydratase, putative'
2 non-polymer GLYCEROL
3 water water
#
_entity_poly.entity_id   1
_entity_poly.type   'polypeptide(L)'
_entity_poly.pdbx_seq_one_letter_code
;(MSE)HHHHHHSSGVDLGTENLYFQS(MSE)TYQSIRLTQRPLSQDGTTQGGTVATLTLAAK(MSE)GS(MSE)GPAFWQ
EFPQALSELGDARVLIVRGEQVFSAGLDVKSNGAAIVPALGKPDAFKAVVDE(MSE)HAVTEGLAALP(MSE)PVIAAVH
GWCIGAGLELIAGADLRLCSQDARFSLPEVKLGITADLGGLQRLPHLIGRGRTAHLALTGEAIDAATAERWGLVTEVLPD
QDALFARAEALAEHLAALPAKALEGTKRALSDGLPHAESLAAAVRWNAEH(MSE)TVEALQAG(MSE)KKG
;
_entity_poly.pdbx_strand_id   A
#
loop_
_chem_comp.id
_chem_comp.type
_chem_comp.name
_chem_comp.formula
GOL non-polymer GLYCEROL 'C3 H8 O3'
#
# COMPACT_ATOMS: atom_id res chain seq x y z
N GLN A 21 -12.35 -15.97 8.23
CA GLN A 21 -11.15 -16.84 8.29
C GLN A 21 -9.87 -16.01 8.35
N SER A 22 -9.13 -16.15 9.45
CA SER A 22 -7.95 -15.34 9.72
C SER A 22 -6.67 -16.17 9.70
N MSE A 23 -5.57 -15.52 9.31
CA MSE A 23 -4.25 -16.12 9.40
C MSE A 23 -3.36 -15.24 10.23
O MSE A 23 -3.15 -14.04 9.92
CB MSE A 23 -3.65 -16.32 8.01
CG MSE A 23 -4.20 -17.51 7.26
SE MSE A 23 -3.34 -17.59 5.51
CE MSE A 23 -3.61 -19.51 5.16
N THR A 24 -2.85 -15.81 11.32
CA THR A 24 -1.95 -15.09 12.21
C THR A 24 -0.53 -15.41 11.82
N TYR A 25 0.22 -14.35 11.55
CA TYR A 25 1.65 -14.41 11.35
C TYR A 25 2.20 -13.74 12.58
N GLN A 26 3.51 -13.65 12.67
CA GLN A 26 4.17 -12.95 13.76
C GLN A 26 3.94 -11.43 13.72
N SER A 27 4.07 -10.84 12.54
CA SER A 27 4.11 -9.37 12.42
C SER A 27 2.82 -8.77 11.85
N ILE A 28 1.97 -9.62 11.28
CA ILE A 28 0.78 -9.18 10.59
C ILE A 28 -0.39 -10.15 10.81
N ARG A 29 -1.59 -9.67 10.58
CA ARG A 29 -2.77 -10.54 10.52
C ARG A 29 -3.45 -10.34 9.18
N LEU A 30 -3.86 -11.44 8.56
CA LEU A 30 -4.59 -11.38 7.30
C LEU A 30 -5.94 -12.06 7.48
N THR A 31 -7.00 -11.29 7.24
CA THR A 31 -8.37 -11.82 7.27
C THR A 31 -9.01 -11.64 5.90
N GLN A 32 -9.81 -12.61 5.49
CA GLN A 32 -10.52 -12.53 4.23
C GLN A 32 -12.00 -12.83 4.43
N ARG A 33 -12.84 -11.90 3.97
CA ARG A 33 -14.28 -11.97 4.12
C ARG A 33 -14.93 -12.31 2.78
N PRO A 34 -15.56 -13.49 2.67
CA PRO A 34 -16.27 -13.88 1.44
C PRO A 34 -17.34 -12.85 1.11
N LEU A 35 -17.42 -12.43 -0.15
CA LEU A 35 -18.38 -11.41 -0.57
C LEU A 35 -19.82 -11.94 -0.62
N SER A 36 -19.96 -13.22 -0.94
CA SER A 36 -21.22 -13.93 -0.78
C SER A 36 -20.99 -15.11 0.15
N GLN A 37 -21.65 -15.09 1.31
CA GLN A 37 -21.55 -16.18 2.28
C GLN A 37 -22.71 -17.16 2.09
N ASP A 38 -23.71 -16.71 1.35
CA ASP A 38 -24.74 -17.59 0.78
C ASP A 38 -24.25 -18.10 -0.57
N GLY A 39 -25.07 -18.94 -1.21
CA GLY A 39 -24.73 -19.50 -2.52
C GLY A 39 -23.76 -20.66 -2.44
N THR A 40 -23.73 -21.46 -3.49
CA THR A 40 -22.91 -22.67 -3.54
C THR A 40 -21.70 -22.44 -4.45
N THR A 41 -21.34 -21.17 -4.62
CA THR A 41 -20.30 -20.76 -5.57
C THR A 41 -19.04 -20.23 -4.88
N GLN A 42 -17.90 -20.40 -5.55
CA GLN A 42 -16.64 -19.84 -5.08
C GLN A 42 -16.41 -18.50 -5.78
N GLY A 43 -16.55 -17.41 -5.02
CA GLY A 43 -16.44 -16.07 -5.57
C GLY A 43 -15.18 -15.34 -5.11
N GLY A 44 -15.36 -14.08 -4.72
CA GLY A 44 -14.24 -13.26 -4.25
C GLY A 44 -14.33 -12.90 -2.78
N THR A 45 -13.27 -12.31 -2.26
CA THR A 45 -13.25 -11.83 -0.87
C THR A 45 -12.83 -10.36 -0.80
N VAL A 46 -13.04 -9.75 0.37
CA VAL A 46 -12.35 -8.52 0.73
C VAL A 46 -11.28 -8.94 1.75
N ALA A 47 -10.02 -8.62 1.47
CA ALA A 47 -8.92 -8.96 2.35
C ALA A 47 -8.51 -7.75 3.17
N THR A 48 -8.18 -8.00 4.43
CA THR A 48 -7.69 -6.94 5.30
C THR A 48 -6.37 -7.39 5.92
N LEU A 49 -5.32 -6.62 5.64
CA LEU A 49 -4.00 -6.91 6.18
C LEU A 49 -3.68 -5.89 7.27
N THR A 50 -3.54 -6.38 8.51
CA THR A 50 -3.28 -5.51 9.64
C THR A 50 -1.81 -5.61 10.05
N LEU A 51 -1.13 -4.46 10.13
CA LEU A 51 0.22 -4.38 10.66
C LEU A 51 0.13 -4.57 12.17
N ALA A 52 0.57 -5.73 12.64
CA ALA A 52 0.26 -6.18 14.00
C ALA A 52 1.41 -6.19 15.00
N ALA A 53 2.61 -5.83 14.54
CA ALA A 53 3.76 -5.65 15.42
C ALA A 53 3.56 -4.42 16.30
N LYS A 54 4.40 -4.27 17.33
CA LYS A 54 4.33 -3.12 18.22
C LYS A 54 4.43 -1.81 17.43
N MSE A 55 3.43 -0.93 17.59
CA MSE A 55 3.31 0.33 16.84
C MSE A 55 3.42 0.16 15.32
O MSE A 55 3.83 1.08 14.59
CB MSE A 55 4.34 1.37 17.33
CG MSE A 55 4.22 1.76 18.81
SE MSE A 55 2.52 2.61 19.25
CE MSE A 55 2.95 4.46 18.76
N GLY A 56 3.05 -1.04 14.83
CA GLY A 56 3.13 -1.36 13.41
C GLY A 56 4.54 -1.34 12.84
N SER A 57 5.53 -1.53 13.72
CA SER A 57 6.94 -1.57 13.34
C SER A 57 7.24 -2.69 12.38
N MSE A 58 8.29 -2.49 11.58
CA MSE A 58 8.67 -3.47 10.59
C MSE A 58 10.07 -3.99 10.89
O MSE A 58 11.06 -3.27 10.75
CB MSE A 58 8.63 -2.82 9.20
CG MSE A 58 7.24 -2.28 8.85
SE MSE A 58 7.38 -1.06 7.35
CE MSE A 58 5.48 -0.64 7.08
N GLY A 59 10.12 -5.25 11.32
CA GLY A 59 11.37 -5.93 11.61
C GLY A 59 11.56 -7.04 10.61
N PRO A 60 12.57 -7.92 10.85
CA PRO A 60 12.93 -8.98 9.90
C PRO A 60 11.81 -9.96 9.56
N ALA A 61 10.93 -10.25 10.53
CA ALA A 61 9.80 -11.13 10.28
C ALA A 61 8.83 -10.49 9.28
N PHE A 62 8.64 -9.17 9.42
CA PHE A 62 7.73 -8.44 8.53
C PHE A 62 8.10 -8.63 7.06
N TRP A 63 9.38 -8.46 6.73
CA TRP A 63 9.84 -8.60 5.34
C TRP A 63 9.60 -10.00 4.77
N GLN A 64 9.59 -11.01 5.65
CA GLN A 64 9.36 -12.40 5.22
C GLN A 64 7.87 -12.73 5.13
N GLU A 65 7.09 -12.23 6.08
CA GLU A 65 5.68 -12.59 6.19
C GLU A 65 4.76 -11.81 5.28
N PHE A 66 5.07 -10.53 5.05
CA PHE A 66 4.18 -9.68 4.24
C PHE A 66 4.00 -10.24 2.81
N PRO A 67 5.11 -10.59 2.11
CA PRO A 67 4.98 -11.24 0.78
C PRO A 67 4.25 -12.58 0.81
N GLN A 68 4.40 -13.34 1.90
CA GLN A 68 3.64 -14.59 2.07
C GLN A 68 2.15 -14.29 2.09
N ALA A 69 1.76 -13.26 2.84
CA ALA A 69 0.34 -12.90 2.92
C ALA A 69 -0.19 -12.46 1.56
N LEU A 70 0.63 -11.73 0.80
CA LEU A 70 0.23 -11.31 -0.54
C LEU A 70 -0.04 -12.52 -1.45
N SER A 71 0.73 -13.61 -1.27
CA SER A 71 0.52 -14.83 -2.05
C SER A 71 -0.83 -15.53 -1.75
N GLU A 72 -1.47 -15.15 -0.65
CA GLU A 72 -2.76 -15.70 -0.26
C GLU A 72 -3.95 -14.98 -0.90
N LEU A 73 -3.67 -13.99 -1.75
CA LEU A 73 -4.72 -13.10 -2.24
C LEU A 73 -5.25 -13.45 -3.63
N GLY A 74 -5.07 -14.69 -4.07
CA GLY A 74 -5.54 -15.13 -5.38
C GLY A 74 -7.03 -14.97 -5.62
N ASP A 75 -7.80 -15.03 -4.54
CA ASP A 75 -9.26 -14.93 -4.56
C ASP A 75 -9.81 -13.54 -4.20
N ALA A 76 -8.94 -12.64 -3.77
CA ALA A 76 -9.37 -11.36 -3.23
C ALA A 76 -9.60 -10.31 -4.31
N ARG A 77 -10.67 -9.54 -4.15
CA ARG A 77 -11.05 -8.49 -5.10
C ARG A 77 -10.50 -7.12 -4.70
N VAL A 78 -10.24 -6.95 -3.41
CA VAL A 78 -9.71 -5.72 -2.83
C VAL A 78 -8.88 -6.06 -1.59
N LEU A 79 -7.80 -5.32 -1.37
CA LEU A 79 -7.02 -5.43 -0.14
C LEU A 79 -7.05 -4.12 0.63
N ILE A 80 -7.39 -4.19 1.91
CA ILE A 80 -7.27 -3.06 2.83
C ILE A 80 -6.02 -3.28 3.68
N VAL A 81 -5.19 -2.24 3.79
CA VAL A 81 -4.03 -2.28 4.67
C VAL A 81 -4.25 -1.26 5.79
N ARG A 82 -4.11 -1.72 7.03
CA ARG A 82 -4.38 -0.87 8.20
C ARG A 82 -3.50 -1.25 9.39
N GLY A 83 -3.52 -0.42 10.42
CA GLY A 83 -2.74 -0.69 11.63
C GLY A 83 -3.65 -0.94 12.83
N GLU A 84 -3.07 -0.87 14.03
CA GLU A 84 -3.80 -1.11 15.28
C GLU A 84 -3.84 0.12 16.18
N GLN A 85 -2.75 0.35 16.92
CA GLN A 85 -2.62 1.54 17.76
C GLN A 85 -2.38 2.76 16.86
N VAL A 86 -1.47 2.57 15.90
CA VAL A 86 -1.21 3.53 14.82
C VAL A 86 -1.14 2.71 13.54
N PHE A 87 -0.94 3.38 12.41
CA PHE A 87 -0.68 2.65 11.18
C PHE A 87 0.67 1.95 11.24
N SER A 88 1.76 2.74 11.21
CA SER A 88 3.11 2.17 11.29
C SER A 88 4.12 3.22 11.75
N ALA A 89 4.97 2.81 12.67
CA ALA A 89 6.14 3.60 13.09
C ALA A 89 7.29 3.39 12.10
N GLY A 90 7.11 2.48 11.15
CA GLY A 90 8.08 2.25 10.09
C GLY A 90 9.12 1.20 10.48
N LEU A 91 10.32 1.34 9.93
CA LEU A 91 11.43 0.40 10.18
C LEU A 91 11.79 0.38 11.67
N ASP A 92 11.93 -0.81 12.24
CA ASP A 92 12.51 -0.94 13.57
C ASP A 92 14.02 -0.93 13.40
N VAL A 93 14.66 0.17 13.80
CA VAL A 93 16.08 0.37 13.55
C VAL A 93 16.93 -0.74 14.17
N LYS A 94 16.66 -1.03 15.44
CA LYS A 94 17.39 -2.04 16.21
C LYS A 94 17.40 -3.42 15.57
N SER A 95 16.22 -3.93 15.22
CA SER A 95 16.10 -5.32 14.73
C SER A 95 16.54 -5.50 13.28
N ASN A 96 16.55 -4.42 12.50
CA ASN A 96 17.03 -4.50 11.12
C ASN A 96 18.54 -4.25 11.02
N GLY A 97 19.11 -3.69 12.09
CA GLY A 97 20.53 -3.33 12.16
C GLY A 97 21.45 -4.52 12.00
N ALA A 98 21.03 -5.66 12.53
CA ALA A 98 21.75 -6.92 12.38
C ALA A 98 22.02 -7.28 10.93
N ALA A 99 21.04 -7.06 10.06
CA ALA A 99 21.22 -7.33 8.63
C ALA A 99 21.90 -6.19 7.88
N ILE A 100 21.57 -4.95 8.26
CA ILE A 100 22.02 -3.76 7.52
C ILE A 100 23.49 -3.42 7.77
N VAL A 101 23.88 -3.34 9.04
CA VAL A 101 25.23 -2.88 9.42
C VAL A 101 26.38 -3.70 8.77
N PRO A 102 26.30 -5.06 8.78
CA PRO A 102 27.34 -5.86 8.10
C PRO A 102 27.46 -5.63 6.60
N ALA A 103 26.41 -5.08 5.98
CA ALA A 103 26.39 -4.85 4.55
C ALA A 103 26.80 -3.43 4.13
N LEU A 104 27.01 -2.55 5.10
CA LEU A 104 27.40 -1.18 4.81
C LEU A 104 28.72 -1.14 4.03
N GLY A 105 28.77 -0.31 3.00
CA GLY A 105 29.95 -0.21 2.15
C GLY A 105 30.16 -1.37 1.18
N LYS A 106 29.19 -2.27 1.09
CA LYS A 106 29.24 -3.43 0.19
C LYS A 106 28.01 -3.41 -0.72
N PRO A 107 28.09 -2.74 -1.88
CA PRO A 107 26.92 -2.47 -2.72
C PRO A 107 26.09 -3.71 -3.09
N ASP A 108 26.73 -4.80 -3.52
CA ASP A 108 25.99 -6.02 -3.85
C ASP A 108 25.35 -6.69 -2.63
N ALA A 109 26.07 -6.78 -1.51
CA ALA A 109 25.51 -7.32 -0.27
C ALA A 109 24.37 -6.44 0.27
N PHE A 110 24.54 -5.12 0.15
CA PHE A 110 23.56 -4.18 0.67
C PHE A 110 22.27 -4.28 -0.15
N LYS A 111 22.43 -4.32 -1.47
CA LYS A 111 21.30 -4.56 -2.37
C LYS A 111 20.51 -5.82 -1.98
N ALA A 112 21.21 -6.92 -1.77
CA ALA A 112 20.57 -8.18 -1.34
C ALA A 112 19.71 -7.99 -0.11
N VAL A 113 20.21 -7.22 0.85
CA VAL A 113 19.47 -6.95 2.09
C VAL A 113 18.19 -6.18 1.76
N VAL A 114 18.34 -5.08 1.01
CA VAL A 114 17.21 -4.19 0.73
C VAL A 114 16.21 -4.87 -0.24
N ASP A 115 16.69 -5.77 -1.09
CA ASP A 115 15.82 -6.60 -1.94
C ASP A 115 14.68 -7.28 -1.16
N GLU A 116 15.00 -7.76 0.05
CA GLU A 116 14.01 -8.38 0.93
C GLU A 116 12.93 -7.38 1.35
N MSE A 117 13.33 -6.12 1.53
CA MSE A 117 12.38 -5.08 1.88
C MSE A 117 11.56 -4.63 0.68
O MSE A 117 10.37 -4.34 0.81
CB MSE A 117 13.08 -3.90 2.52
CG MSE A 117 13.93 -4.29 3.71
SE MSE A 117 14.93 -2.77 4.36
CE MSE A 117 16.00 -3.69 5.73
N HIS A 118 12.19 -4.58 -0.48
CA HIS A 118 11.49 -4.28 -1.74
C HIS A 118 10.41 -5.32 -2.08
N ALA A 119 10.59 -6.56 -1.63
CA ALA A 119 9.58 -7.60 -1.81
C ALA A 119 8.22 -7.15 -1.26
N VAL A 120 8.25 -6.31 -0.25
CA VAL A 120 7.04 -5.74 0.36
C VAL A 120 6.51 -4.52 -0.44
N THR A 121 7.35 -3.51 -0.61
CA THR A 121 6.91 -2.26 -1.24
C THR A 121 6.61 -2.45 -2.72
N GLU A 122 7.50 -3.14 -3.42
CA GLU A 122 7.29 -3.39 -4.85
C GLU A 122 6.24 -4.47 -5.05
N GLY A 123 6.18 -5.44 -4.13
CA GLY A 123 5.16 -6.48 -4.17
C GLY A 123 3.76 -5.88 -4.02
N LEU A 124 3.60 -4.97 -3.08
CA LEU A 124 2.30 -4.34 -2.85
C LEU A 124 1.87 -3.53 -4.08
N ALA A 125 2.82 -2.77 -4.62
CA ALA A 125 2.60 -1.91 -5.78
C ALA A 125 2.23 -2.68 -7.04
N ALA A 126 2.65 -3.95 -7.09
CA ALA A 126 2.42 -4.81 -8.26
C ALA A 126 1.12 -5.62 -8.19
N LEU A 127 0.45 -5.60 -7.04
CA LEU A 127 -0.80 -6.38 -6.87
C LEU A 127 -1.83 -6.00 -7.92
N PRO A 128 -2.47 -6.99 -8.55
CA PRO A 128 -3.40 -6.71 -9.67
C PRO A 128 -4.72 -6.03 -9.28
N MSE A 129 -5.09 -6.08 -8.01
CA MSE A 129 -6.36 -5.53 -7.56
C MSE A 129 -6.19 -4.19 -6.84
O MSE A 129 -5.07 -3.81 -6.51
CB MSE A 129 -7.04 -6.53 -6.61
CG MSE A 129 -6.59 -6.33 -5.20
SE MSE A 129 -5.21 -7.57 -4.67
CE MSE A 129 -6.41 -8.61 -3.58
N PRO A 130 -7.31 -3.48 -6.57
CA PRO A 130 -7.20 -2.24 -5.79
C PRO A 130 -6.71 -2.47 -4.37
N VAL A 131 -5.78 -1.63 -3.95
CA VAL A 131 -5.28 -1.64 -2.57
C VAL A 131 -5.65 -0.33 -1.90
N ILE A 132 -6.34 -0.44 -0.77
CA ILE A 132 -6.74 0.72 0.03
C ILE A 132 -5.90 0.76 1.29
N ALA A 133 -5.16 1.85 1.48
CA ALA A 133 -4.47 2.06 2.74
C ALA A 133 -5.36 2.92 3.63
N ALA A 134 -5.66 2.42 4.82
CA ALA A 134 -6.52 3.12 5.77
C ALA A 134 -5.69 3.48 6.98
N VAL A 135 -5.27 4.75 7.05
CA VAL A 135 -4.26 5.21 8.00
C VAL A 135 -4.88 5.99 9.16
N HIS A 136 -4.62 5.54 10.39
CA HIS A 136 -4.89 6.37 11.56
C HIS A 136 -3.59 6.56 12.34
N GLY A 137 -3.51 7.67 13.07
CA GLY A 137 -2.33 8.00 13.86
C GLY A 137 -1.07 8.09 12.99
N TRP A 138 0.06 7.68 13.55
CA TRP A 138 1.34 7.81 12.88
C TRP A 138 1.51 6.92 11.65
N CYS A 139 2.02 7.52 10.57
CA CYS A 139 2.42 6.78 9.39
C CYS A 139 3.81 7.31 9.01
N ILE A 140 4.85 6.59 9.42
CA ILE A 140 6.22 7.09 9.43
C ILE A 140 7.17 6.27 8.56
N GLY A 141 7.98 6.95 7.74
CA GLY A 141 9.14 6.32 7.08
C GLY A 141 8.73 5.24 6.11
N ALA A 142 9.10 3.99 6.42
CA ALA A 142 8.71 2.86 5.57
C ALA A 142 7.18 2.71 5.52
N GLY A 143 6.50 3.16 6.57
CA GLY A 143 5.03 3.21 6.58
C GLY A 143 4.47 4.09 5.46
N LEU A 144 5.03 5.29 5.33
CA LEU A 144 4.65 6.20 4.25
C LEU A 144 5.04 5.67 2.88
N GLU A 145 6.25 5.09 2.77
CA GLU A 145 6.67 4.48 1.50
C GLU A 145 5.73 3.37 1.07
N LEU A 146 5.25 2.59 2.04
CA LEU A 146 4.31 1.50 1.76
C LEU A 146 2.99 2.01 1.18
N ILE A 147 2.38 2.99 1.84
CA ILE A 147 1.09 3.51 1.34
C ILE A 147 1.22 4.23 -0.01
N ALA A 148 2.43 4.71 -0.32
CA ALA A 148 2.71 5.36 -1.59
C ALA A 148 2.47 4.41 -2.76
N GLY A 149 2.51 3.12 -2.49
CA GLY A 149 2.30 2.08 -3.48
C GLY A 149 0.86 1.58 -3.55
N ALA A 150 0.03 1.99 -2.57
CA ALA A 150 -1.39 1.66 -2.61
C ALA A 150 -2.11 2.46 -3.69
N ASP A 151 -3.33 2.05 -4.03
CA ASP A 151 -4.11 2.73 -5.05
C ASP A 151 -4.90 3.91 -4.51
N LEU A 152 -5.49 3.73 -3.33
CA LEU A 152 -6.31 4.75 -2.68
C LEU A 152 -5.84 4.85 -1.24
N ARG A 153 -5.79 6.08 -0.72
CA ARG A 153 -5.37 6.31 0.67
C ARG A 153 -6.45 7.10 1.38
N LEU A 154 -6.88 6.58 2.53
CA LEU A 154 -7.87 7.21 3.40
C LEU A 154 -7.19 7.42 4.74
N CYS A 155 -7.56 8.46 5.47
CA CYS A 155 -7.01 8.60 6.82
C CYS A 155 -8.03 9.20 7.78
N SER A 156 -7.72 9.12 9.07
CA SER A 156 -8.50 9.82 10.08
C SER A 156 -7.87 11.17 10.37
N GLN A 157 -8.65 12.05 11.01
CA GLN A 157 -8.20 13.38 11.47
C GLN A 157 -6.88 13.39 12.22
N ASP A 158 -6.60 12.32 12.97
CA ASP A 158 -5.44 12.27 13.85
C ASP A 158 -4.17 11.76 13.15
N ALA A 159 -4.30 11.39 11.89
CA ALA A 159 -3.17 10.82 11.14
C ALA A 159 -2.05 11.84 10.94
N ARG A 160 -0.81 11.38 11.08
CA ARG A 160 0.39 12.20 10.85
C ARG A 160 1.37 11.42 10.00
N PHE A 161 1.91 12.08 8.96
CA PHE A 161 2.74 11.41 7.96
C PHE A 161 4.13 12.04 7.92
N SER A 162 5.16 11.22 7.91
CA SER A 162 6.54 11.74 7.80
C SER A 162 7.50 10.78 7.10
N LEU A 163 8.59 11.34 6.58
CA LEU A 163 9.71 10.58 6.05
C LEU A 163 10.98 11.04 6.74
N PRO A 164 11.21 10.60 8.00
CA PRO A 164 12.32 11.11 8.80
C PRO A 164 13.68 10.43 8.56
N GLU A 165 13.79 9.60 7.52
CA GLU A 165 15.01 8.80 7.24
C GLU A 165 16.29 9.65 7.23
N VAL A 166 16.20 10.88 6.74
CA VAL A 166 17.36 11.78 6.70
C VAL A 166 18.02 11.99 8.08
N LYS A 167 17.21 11.98 9.14
CA LYS A 167 17.71 12.19 10.50
C LYS A 167 18.64 11.05 10.95
N LEU A 168 18.48 9.88 10.34
CA LEU A 168 19.31 8.71 10.62
C LEU A 168 20.48 8.58 9.63
N GLY A 169 20.62 9.57 8.75
CA GLY A 169 21.63 9.53 7.69
C GLY A 169 21.22 8.61 6.55
N ILE A 170 19.91 8.44 6.38
CA ILE A 170 19.38 7.53 5.36
C ILE A 170 18.67 8.32 4.24
N THR A 171 18.92 7.91 3.00
CA THR A 171 18.12 8.35 1.86
C THR A 171 16.98 7.34 1.65
N ALA A 172 15.73 7.79 1.70
CA ALA A 172 14.61 6.85 1.61
C ALA A 172 14.75 6.06 0.33
N ASP A 173 14.77 4.73 0.46
CA ASP A 173 15.09 3.85 -0.67
C ASP A 173 14.14 2.66 -0.80
N LEU A 174 12.92 2.82 -0.30
CA LEU A 174 11.89 1.79 -0.45
C LEU A 174 10.80 2.26 -1.42
N GLY A 175 11.12 3.28 -2.22
CA GLY A 175 10.21 3.72 -3.28
C GLY A 175 9.48 5.03 -3.02
N GLY A 176 9.56 5.55 -1.80
CA GLY A 176 8.95 6.86 -1.46
C GLY A 176 9.43 8.02 -2.32
N LEU A 177 10.73 8.07 -2.59
CA LEU A 177 11.26 9.19 -3.38
C LEU A 177 10.88 9.10 -4.85
N GLN A 178 10.52 7.90 -5.30
CA GLN A 178 10.07 7.67 -6.67
C GLN A 178 8.54 7.80 -6.81
N ARG A 179 7.80 7.29 -5.83
CA ARG A 179 6.32 7.26 -5.89
C ARG A 179 5.65 8.53 -5.41
N LEU A 180 6.13 9.08 -4.30
CA LEU A 180 5.49 10.27 -3.72
C LEU A 180 5.35 11.49 -4.67
N PRO A 181 6.38 11.78 -5.50
CA PRO A 181 6.20 12.92 -6.41
C PRO A 181 5.04 12.76 -7.39
N HIS A 182 4.70 11.54 -7.76
CA HIS A 182 3.51 11.30 -8.59
C HIS A 182 2.19 11.62 -7.87
N LEU A 183 2.21 11.56 -6.55
CA LEU A 183 1.03 11.74 -5.74
C LEU A 183 0.85 13.20 -5.29
N ILE A 184 1.94 13.83 -4.85
CA ILE A 184 1.89 15.15 -4.19
C ILE A 184 2.77 16.22 -4.84
N GLY A 185 3.54 15.82 -5.84
CA GLY A 185 4.45 16.72 -6.54
C GLY A 185 5.84 16.65 -5.95
N ARG A 186 6.82 17.03 -6.75
CA ARG A 186 8.22 16.96 -6.33
C ARG A 186 8.56 17.92 -5.20
N GLY A 187 8.02 19.14 -5.22
CA GLY A 187 8.37 20.14 -4.21
C GLY A 187 7.89 19.72 -2.83
N ARG A 188 6.67 19.20 -2.78
CA ARG A 188 6.10 18.76 -1.52
C ARG A 188 6.79 17.50 -0.98
N THR A 189 7.19 16.60 -1.88
CA THR A 189 7.99 15.45 -1.48
C THR A 189 9.34 15.91 -0.91
N ALA A 190 9.95 16.90 -1.56
CA ALA A 190 11.22 17.45 -1.08
C ALA A 190 11.08 18.04 0.33
N HIS A 191 9.98 18.74 0.58
CA HIS A 191 9.67 19.20 1.94
C HIS A 191 9.71 18.05 2.98
N LEU A 192 8.97 16.99 2.71
CA LEU A 192 8.92 15.85 3.65
C LEU A 192 10.30 15.22 3.82
N ALA A 193 10.93 14.93 2.68
CA ALA A 193 12.17 14.14 2.64
C ALA A 193 13.40 14.89 3.17
N LEU A 194 13.49 16.18 2.88
CA LEU A 194 14.64 16.98 3.33
C LEU A 194 14.52 17.48 4.77
N THR A 195 13.32 17.88 5.18
CA THR A 195 13.15 18.35 6.55
C THR A 195 12.92 17.20 7.53
N GLY A 196 12.33 16.11 7.04
CA GLY A 196 11.99 14.98 7.89
C GLY A 196 10.82 15.22 8.83
N GLU A 197 10.14 16.36 8.68
CA GLU A 197 9.05 16.68 9.59
C GLU A 197 7.68 16.22 9.08
N ALA A 198 6.76 16.05 10.02
CA ALA A 198 5.46 15.43 9.77
C ALA A 198 4.45 16.41 9.21
N ILE A 199 3.49 15.90 8.44
CA ILE A 199 2.31 16.68 8.05
C ILE A 199 1.03 16.06 8.61
N ASP A 200 0.01 16.88 8.83
CA ASP A 200 -1.24 16.40 9.41
C ASP A 200 -2.22 15.91 8.33
N ALA A 201 -3.36 15.36 8.76
CA ALA A 201 -4.36 14.82 7.85
C ALA A 201 -4.93 15.88 6.89
N ALA A 202 -5.25 17.06 7.41
CA ALA A 202 -5.78 18.13 6.55
C ALA A 202 -4.79 18.48 5.43
N THR A 203 -3.50 18.53 5.76
CA THR A 203 -2.46 18.87 4.78
C THR A 203 -2.32 17.76 3.75
N ALA A 204 -2.29 16.51 4.23
CA ALA A 204 -2.24 15.33 3.36
C ALA A 204 -3.37 15.34 2.32
N GLU A 205 -4.59 15.72 2.74
CA GLU A 205 -5.71 15.79 1.81
C GLU A 205 -5.53 16.92 0.81
N ARG A 206 -5.13 18.10 1.30
CA ARG A 206 -4.85 19.23 0.40
C ARG A 206 -3.80 18.85 -0.65
N TRP A 207 -2.78 18.10 -0.21
CA TRP A 207 -1.67 17.76 -1.09
C TRP A 207 -1.98 16.62 -2.06
N GLY A 208 -3.05 15.89 -1.79
CA GLY A 208 -3.44 14.76 -2.62
C GLY A 208 -2.85 13.43 -2.18
N LEU A 209 -2.20 13.40 -1.01
CA LEU A 209 -1.70 12.12 -0.46
C LEU A 209 -2.87 11.21 -0.05
N VAL A 210 -3.95 11.81 0.46
CA VAL A 210 -5.18 11.06 0.73
C VAL A 210 -6.33 11.72 -0.01
N THR A 211 -7.40 10.97 -0.24
CA THR A 211 -8.58 11.51 -0.93
C THR A 211 -9.82 11.61 -0.03
N GLU A 212 -9.68 11.15 1.22
CA GLU A 212 -10.73 11.34 2.22
C GLU A 212 -10.15 11.36 3.63
N VAL A 213 -10.68 12.23 4.48
CA VAL A 213 -10.33 12.28 5.90
C VAL A 213 -11.59 12.04 6.71
N LEU A 214 -11.52 11.05 7.60
CA LEU A 214 -12.67 10.67 8.43
C LEU A 214 -12.43 11.08 9.89
N PRO A 215 -13.52 11.19 10.69
CA PRO A 215 -13.41 11.70 12.06
C PRO A 215 -12.49 10.91 12.99
N ASP A 216 -12.50 9.58 12.87
CA ASP A 216 -11.79 8.73 13.81
C ASP A 216 -11.54 7.37 13.21
N GLN A 217 -10.76 6.55 13.92
CA GLN A 217 -10.36 5.21 13.49
C GLN A 217 -11.52 4.31 13.09
N ASP A 218 -12.57 4.28 13.91
CA ASP A 218 -13.74 3.45 13.61
C ASP A 218 -14.45 3.89 12.32
N ALA A 219 -14.63 5.21 12.17
CA ALA A 219 -15.21 5.78 10.95
C ALA A 219 -14.32 5.46 9.73
N LEU A 220 -13.01 5.58 9.92
CA LEU A 220 -12.02 5.21 8.89
C LEU A 220 -12.18 3.77 8.43
N PHE A 221 -12.15 2.83 9.38
CA PHE A 221 -12.25 1.41 9.04
C PHE A 221 -13.58 1.06 8.37
N ALA A 222 -14.66 1.67 8.85
CA ALA A 222 -15.99 1.46 8.26
C ALA A 222 -16.04 1.92 6.80
N ARG A 223 -15.49 3.11 6.56
CA ARG A 223 -15.45 3.70 5.21
C ARG A 223 -14.57 2.86 4.26
N ALA A 224 -13.43 2.38 4.75
CA ALA A 224 -12.55 1.51 3.97
C ALA A 224 -13.28 0.25 3.54
N GLU A 225 -14.04 -0.35 4.47
CA GLU A 225 -14.87 -1.53 4.17
C GLU A 225 -15.91 -1.23 3.09
N ALA A 226 -16.53 -0.06 3.18
CA ALA A 226 -17.58 0.34 2.25
C ALA A 226 -17.00 0.59 0.87
N LEU A 227 -15.85 1.28 0.83
CA LEU A 227 -15.17 1.54 -0.43
C LEU A 227 -14.73 0.23 -1.09
N ALA A 228 -14.24 -0.71 -0.28
CA ALA A 228 -13.88 -2.04 -0.78
C ALA A 228 -15.10 -2.75 -1.39
N GLU A 229 -16.25 -2.67 -0.72
CA GLU A 229 -17.50 -3.26 -1.25
C GLU A 229 -17.88 -2.67 -2.60
N HIS A 230 -17.72 -1.36 -2.74
CA HIS A 230 -17.99 -0.65 -3.98
C HIS A 230 -17.09 -1.13 -5.13
N LEU A 231 -15.78 -1.19 -4.86
CA LEU A 231 -14.80 -1.63 -5.84
C LEU A 231 -14.97 -3.11 -6.22
N ALA A 232 -15.27 -3.95 -5.23
CA ALA A 232 -15.47 -5.38 -5.46
C ALA A 232 -16.70 -5.64 -6.35
N ALA A 233 -17.66 -4.72 -6.34
CA ALA A 233 -18.82 -4.78 -7.24
C ALA A 233 -18.49 -4.45 -8.70
N LEU A 234 -17.32 -3.85 -8.94
CA LEU A 234 -16.90 -3.46 -10.28
C LEU A 234 -16.14 -4.58 -10.99
N PRO A 235 -16.15 -4.58 -12.35
CA PRO A 235 -15.42 -5.60 -13.12
C PRO A 235 -13.92 -5.62 -12.76
N ALA A 236 -13.45 -6.78 -12.30
CA ALA A 236 -12.07 -6.92 -11.81
C ALA A 236 -10.99 -6.56 -12.84
N LYS A 237 -11.17 -6.95 -14.09
CA LYS A 237 -10.15 -6.74 -15.11
C LYS A 237 -10.05 -5.28 -15.57
N ALA A 238 -11.16 -4.52 -15.48
CA ALA A 238 -11.11 -3.09 -15.78
C ALA A 238 -10.33 -2.34 -14.71
N LEU A 239 -10.55 -2.72 -13.45
CA LEU A 239 -9.75 -2.18 -12.34
C LEU A 239 -8.27 -2.49 -12.52
N GLU A 240 -7.95 -3.72 -12.91
CA GLU A 240 -6.57 -4.13 -13.13
C GLU A 240 -5.90 -3.36 -14.27
N GLY A 241 -6.59 -3.24 -15.39
CA GLY A 241 -6.05 -2.52 -16.55
C GLY A 241 -5.79 -1.05 -16.26
N THR A 242 -6.68 -0.45 -15.48
CA THR A 242 -6.56 0.93 -15.03
C THR A 242 -5.33 1.12 -14.16
N LYS A 243 -5.17 0.25 -13.16
CA LYS A 243 -3.98 0.24 -12.31
C LYS A 243 -2.71 0.04 -13.12
N ARG A 244 -2.74 -0.89 -14.08
CA ARG A 244 -1.57 -1.14 -14.92
C ARG A 244 -1.16 0.11 -15.68
N ALA A 245 -2.14 0.76 -16.31
CA ALA A 245 -1.87 1.95 -17.11
C ALA A 245 -1.27 3.07 -16.24
N LEU A 246 -1.84 3.30 -15.05
CA LEU A 246 -1.38 4.41 -14.20
C LEU A 246 0.04 4.19 -13.65
N SER A 247 0.39 2.92 -13.48
CA SER A 247 1.68 2.53 -12.90
C SER A 247 2.73 2.12 -13.90
N ASP A 248 2.41 2.11 -15.19
CA ASP A 248 3.35 1.51 -16.15
C ASP A 248 4.66 2.29 -16.38
N GLY A 249 4.64 3.59 -16.12
CA GLY A 249 5.81 4.45 -16.34
C GLY A 249 6.27 4.50 -17.79
N LEU A 250 5.39 4.11 -18.71
CA LEU A 250 5.74 4.07 -20.13
C LEU A 250 5.49 5.43 -20.81
N PRO A 251 6.17 5.69 -21.96
CA PRO A 251 5.84 6.90 -22.71
C PRO A 251 4.37 6.91 -23.10
N HIS A 252 3.83 8.10 -23.29
CA HIS A 252 2.42 8.30 -23.64
C HIS A 252 1.88 7.29 -24.64
N ALA A 253 2.47 7.24 -25.83
CA ALA A 253 1.92 6.39 -26.90
C ALA A 253 1.94 4.90 -26.54
N GLU A 254 2.99 4.46 -25.84
CA GLU A 254 3.13 3.05 -25.44
C GLU A 254 2.10 2.70 -24.37
N SER A 255 1.94 3.60 -23.40
CA SER A 255 0.98 3.39 -22.31
C SER A 255 -0.43 3.37 -22.87
N LEU A 256 -0.70 4.30 -23.78
CA LEU A 256 -1.99 4.36 -24.47
C LEU A 256 -2.29 3.08 -25.27
N ALA A 257 -1.34 2.66 -26.09
CA ALA A 257 -1.51 1.46 -26.91
C ALA A 257 -1.73 0.20 -26.07
N ALA A 258 -1.08 0.14 -24.91
CA ALA A 258 -1.23 -0.97 -23.98
C ALA A 258 -2.61 -1.00 -23.32
N ALA A 259 -3.18 0.18 -23.01
CA ALA A 259 -4.56 0.23 -22.50
C ALA A 259 -5.57 -0.26 -23.56
N VAL A 260 -5.36 0.14 -24.81
CA VAL A 260 -6.24 -0.29 -25.92
C VAL A 260 -6.20 -1.83 -26.03
N ARG A 261 -4.99 -2.38 -26.03
CA ARG A 261 -4.78 -3.84 -26.10
C ARG A 261 -5.45 -4.55 -24.92
N TRP A 262 -5.36 -3.95 -23.73
CA TRP A 262 -6.02 -4.52 -22.55
C TRP A 262 -7.54 -4.62 -22.74
N ASN A 263 -8.16 -3.54 -23.24
CA ASN A 263 -9.58 -3.59 -23.58
C ASN A 263 -9.91 -4.63 -24.64
N ALA A 264 -9.08 -4.73 -25.67
CA ALA A 264 -9.31 -5.74 -26.72
C ALA A 264 -9.43 -7.12 -26.09
N GLU A 265 -8.60 -7.38 -25.09
CA GLU A 265 -8.56 -8.70 -24.45
C GLU A 265 -9.62 -8.91 -23.39
N HIS A 266 -10.04 -7.85 -22.70
CA HIS A 266 -10.83 -8.01 -21.47
C HIS A 266 -12.22 -7.41 -21.44
N MSE A 267 -12.55 -6.53 -22.39
CA MSE A 267 -13.91 -6.03 -22.48
C MSE A 267 -14.86 -7.15 -22.87
O MSE A 267 -14.49 -8.04 -23.63
CB MSE A 267 -14.01 -4.90 -23.51
CG MSE A 267 -13.47 -3.56 -23.02
SE MSE A 267 -13.73 -2.19 -24.37
CE MSE A 267 -15.69 -2.23 -24.48
N THR A 268 -16.08 -7.12 -22.34
CA THR A 268 -17.11 -8.10 -22.69
C THR A 268 -18.43 -7.40 -23.00
N VAL A 269 -19.24 -8.05 -23.83
CA VAL A 269 -20.59 -7.58 -24.13
C VAL A 269 -21.39 -7.48 -22.83
N GLU A 270 -21.25 -8.49 -21.99
CA GLU A 270 -21.97 -8.60 -20.72
C GLU A 270 -21.72 -7.43 -19.76
N ALA A 271 -20.45 -6.98 -19.68
CA ALA A 271 -20.11 -5.88 -18.77
C ALA A 271 -20.64 -4.53 -19.29
N LEU A 272 -20.72 -4.38 -20.61
CA LEU A 272 -21.35 -3.21 -21.21
C LEU A 272 -22.84 -3.17 -20.84
N GLN A 273 -23.53 -4.30 -21.06
CA GLN A 273 -24.96 -4.41 -20.80
C GLN A 273 -25.32 -4.21 -19.33
N ALA A 274 -24.50 -4.77 -18.43
CA ALA A 274 -24.73 -4.68 -16.99
C ALA A 274 -24.56 -3.26 -16.44
N GLY A 275 -23.53 -2.56 -16.92
CA GLY A 275 -23.24 -1.20 -16.48
C GLY A 275 -24.19 -0.17 -17.06
C1 GOL B . 15.25 16.65 -13.98
O1 GOL B . 13.94 16.25 -13.65
C2 GOL B . 15.77 17.67 -12.96
O2 GOL B . 14.76 18.60 -12.69
C3 GOL B . 16.99 18.37 -13.57
O3 GOL B . 17.56 19.26 -12.62
#